data_8HB3
#
_entry.id   8HB3
#
_cell.length_a   82.982
_cell.length_b   82.982
_cell.length_c   65.590
_cell.angle_alpha   90.000
_cell.angle_beta   90.000
_cell.angle_gamma   120.000
#
_symmetry.space_group_name_H-M   'P 32 2 1'
#
loop_
_entity.id
_entity.type
_entity.pdbx_description
1 polymer "RNA (5'-R(*AP*GP*AP*GP*CP*GP*UP*UP*GP*CP*GP*UP*CP*CP*GP*AP*AP*AP*GP*UP*(CBV)P*GP*CP*C)-3')"
2 polymer 'RNA (31-MER)'
3 non-polymer 'Nicotinamide riboside'
#
loop_
_entity_poly.entity_id
_entity_poly.type
_entity_poly.pdbx_seq_one_letter_code
_entity_poly.pdbx_strand_id
1 'polyribonucleotide' AGAGCGUUGCGUCCGAAAGU(CBV)GCC A
2 'polyribonucleotide' GCGACACGGCUCUUUAAAAACAAAAGGAGAA B
#